data_1DEL
#
_entry.id   1DEL
#
_cell.length_a   155.200
_cell.length_b   58.500
_cell.length_c   75.700
_cell.angle_alpha   90.00
_cell.angle_beta   108.10
_cell.angle_gamma   90.00
#
_symmetry.space_group_name_H-M   'C 1 2 1'
#
loop_
_entity.id
_entity.type
_entity.pdbx_description
1 polymer 'DEOXYNUCLEOSIDE MONOPHOSPHATE KINASE'
2 non-polymer 'MAGNESIUM ION'
3 non-polymer "2'-DEOXYGUANOSINE-5'-MONOPHOSPHATE"
4 non-polymer 'ADENOSINE MONOPHOSPHATE'
5 water water
#
_entity_poly.entity_id   1
_entity_poly.type   'polypeptide(L)'
_entity_poly.pdbx_seq_one_letter_code
;MKLIFLSGVKRSGKDTTADFIMSNYSAVKYQLAGPIKDALAYAWGVFAANTDYPCLTRKEFEGIDYDRETNLNLTKLEVI
TIMEQAFCYLNGKSPIKGVFVFDDEGKESVNFVAFNKITDVINNIEDQWSVRRLMQALGTDLIVNNFDRMYWVKLFALDY
LDKFNSGYDYYIVPDTRQDHEMDAARAMGATVIHVVRPGQKSNDTHITEAGLPIRDGDLVITNDGSLEELFSKIKNTLKV
L
;
_entity_poly.pdbx_strand_id   A,B
#
# COMPACT_ATOMS: atom_id res chain seq x y z
N MET A 1 -15.22 2.70 -11.05
CA MET A 1 -14.03 3.52 -11.29
C MET A 1 -13.00 2.90 -12.20
N LYS A 2 -12.47 3.65 -13.17
CA LYS A 2 -11.41 3.05 -14.01
C LYS A 2 -10.04 3.69 -13.69
N LEU A 3 -9.03 2.88 -13.46
CA LEU A 3 -7.68 3.19 -13.13
C LEU A 3 -6.86 3.45 -14.39
N ILE A 4 -6.42 4.67 -14.56
CA ILE A 4 -5.61 5.03 -15.73
C ILE A 4 -4.22 5.52 -15.31
N PHE A 5 -3.18 4.94 -15.87
CA PHE A 5 -1.81 5.37 -15.68
C PHE A 5 -1.34 6.09 -16.95
N LEU A 6 -0.99 7.36 -16.88
CA LEU A 6 -0.53 7.99 -18.17
C LEU A 6 0.99 7.86 -18.25
N SER A 7 1.54 7.73 -19.42
CA SER A 7 2.94 7.63 -19.71
C SER A 7 3.33 8.59 -20.85
N GLY A 8 4.41 9.34 -20.71
CA GLY A 8 4.86 10.27 -21.71
C GLY A 8 6.09 11.04 -21.25
N VAL A 9 7.04 11.30 -22.18
CA VAL A 9 8.20 12.10 -21.69
C VAL A 9 7.76 13.55 -21.57
N LYS A 10 8.64 14.41 -21.11
CA LYS A 10 8.32 15.84 -21.00
C LYS A 10 7.90 16.42 -22.36
N ARG A 11 6.95 17.34 -22.36
CA ARG A 11 6.40 18.00 -23.51
C ARG A 11 5.91 17.15 -24.66
N SER A 12 5.41 15.94 -24.40
CA SER A 12 4.88 15.01 -25.35
C SER A 12 3.37 15.22 -25.56
N GLY A 13 2.79 15.95 -24.63
CA GLY A 13 1.35 16.21 -24.63
C GLY A 13 0.64 15.40 -23.52
N LYS A 14 1.42 14.58 -22.84
CA LYS A 14 0.96 13.76 -21.76
C LYS A 14 0.32 14.63 -20.70
N ASP A 15 0.99 15.75 -20.39
CA ASP A 15 0.47 16.68 -19.39
C ASP A 15 -0.86 17.31 -19.81
N THR A 16 -1.04 17.51 -21.09
CA THR A 16 -2.29 18.12 -21.60
C THR A 16 -3.46 17.16 -21.49
N THR A 17 -3.20 15.92 -21.83
CA THR A 17 -4.16 14.83 -21.69
C THR A 17 -4.62 14.80 -20.24
N ALA A 18 -3.68 14.69 -19.31
CA ALA A 18 -3.96 14.70 -17.90
C ALA A 18 -4.96 15.79 -17.53
N ASP A 19 -4.69 16.97 -18.03
CA ASP A 19 -5.53 18.13 -17.72
C ASP A 19 -6.83 18.07 -18.48
N PHE A 20 -6.80 17.58 -19.71
CA PHE A 20 -8.05 17.48 -20.46
C PHE A 20 -9.02 16.58 -19.65
N ILE A 21 -8.55 15.40 -19.24
CA ILE A 21 -9.34 14.46 -18.48
C ILE A 21 -9.81 15.04 -17.17
N MET A 22 -8.92 15.70 -16.42
CA MET A 22 -9.37 16.23 -15.14
C MET A 22 -10.47 17.25 -15.27
N SER A 23 -10.63 17.92 -16.43
CA SER A 23 -11.64 18.97 -16.45
C SER A 23 -12.87 18.64 -17.25
N ASN A 24 -12.87 17.57 -18.00
CA ASN A 24 -13.98 17.16 -18.80
C ASN A 24 -14.67 15.87 -18.34
N TYR A 25 -14.20 15.28 -17.27
CA TYR A 25 -14.69 14.07 -16.67
C TYR A 25 -14.63 14.09 -15.14
N SER A 26 -15.36 13.15 -14.52
CA SER A 26 -15.32 13.02 -13.05
C SER A 26 -14.06 12.18 -12.75
N ALA A 27 -13.00 12.82 -12.31
CA ALA A 27 -11.74 12.10 -12.13
C ALA A 27 -11.04 12.56 -10.88
N VAL A 28 -10.28 11.64 -10.34
CA VAL A 28 -9.51 11.93 -9.11
C VAL A 28 -8.07 11.70 -9.54
N LYS A 29 -7.15 12.52 -9.07
CA LYS A 29 -5.76 12.37 -9.52
C LYS A 29 -4.84 11.95 -8.39
N TYR A 30 -3.84 11.13 -8.73
CA TYR A 30 -2.86 10.75 -7.72
C TYR A 30 -1.46 10.85 -8.38
N GLN A 31 -0.60 11.63 -7.72
CA GLN A 31 0.77 11.77 -8.24
C GLN A 31 1.69 10.86 -7.45
N LEU A 32 2.35 9.92 -8.10
CA LEU A 32 3.33 9.06 -7.44
C LEU A 32 4.40 9.88 -6.70
N ALA A 33 4.82 11.00 -7.26
CA ALA A 33 5.79 11.92 -6.73
C ALA A 33 5.21 12.89 -5.71
N GLY A 34 3.93 12.80 -5.39
CA GLY A 34 3.25 13.63 -4.42
C GLY A 34 3.91 13.63 -3.05
N PRO A 35 4.06 12.48 -2.42
CA PRO A 35 4.68 12.32 -1.13
C PRO A 35 6.18 12.69 -1.14
N ILE A 36 6.83 12.69 -2.28
CA ILE A 36 8.23 13.07 -2.39
C ILE A 36 8.32 14.59 -2.12
N LYS A 37 7.46 15.31 -2.85
CA LYS A 37 7.33 16.74 -2.69
C LYS A 37 6.85 17.05 -1.31
N ASP A 38 5.94 16.27 -0.72
CA ASP A 38 5.51 16.56 0.62
C ASP A 38 6.68 16.38 1.60
N ALA A 39 7.44 15.33 1.40
CA ALA A 39 8.50 15.01 2.35
C ALA A 39 9.61 16.07 2.35
N LEU A 40 9.92 16.58 1.18
CA LEU A 40 10.91 17.61 0.97
C LEU A 40 10.45 18.94 1.53
N ALA A 41 9.20 19.31 1.29
CA ALA A 41 8.67 20.57 1.81
C ALA A 41 8.70 20.53 3.33
N TYR A 42 8.48 19.35 3.91
CA TYR A 42 8.50 19.25 5.36
C TYR A 42 9.97 19.26 5.84
N ALA A 43 10.87 18.61 5.11
CA ALA A 43 12.27 18.53 5.49
C ALA A 43 12.85 19.95 5.38
N TRP A 44 12.59 20.66 4.31
CA TRP A 44 13.08 22.00 4.14
C TRP A 44 12.72 22.89 5.34
N GLY A 45 11.42 23.00 5.57
CA GLY A 45 10.91 23.83 6.66
C GLY A 45 11.64 23.49 7.94
N VAL A 46 12.11 22.27 8.07
CA VAL A 46 12.81 21.88 9.32
C VAL A 46 14.26 22.34 9.29
N PHE A 47 14.87 22.29 8.11
CA PHE A 47 16.24 22.67 7.87
C PHE A 47 16.41 24.19 7.90
N ALA A 48 15.74 24.85 6.98
CA ALA A 48 15.76 26.28 6.80
C ALA A 48 15.11 26.98 8.00
N ALA A 49 14.59 26.18 8.89
CA ALA A 49 13.88 26.53 10.08
C ALA A 49 14.18 27.91 10.63
N ASN A 50 15.31 27.97 11.32
CA ASN A 50 15.75 29.22 11.94
C ASN A 50 17.03 29.72 11.27
N THR A 51 17.07 29.60 9.93
CA THR A 51 18.15 30.02 9.10
C THR A 51 17.75 31.25 8.28
N ASP A 52 18.63 31.57 7.34
CA ASP A 52 18.43 32.71 6.45
C ASP A 52 18.29 32.18 5.03
N TYR A 53 18.02 30.85 4.95
CA TYR A 53 17.80 30.21 3.65
C TYR A 53 16.40 30.57 3.16
N PRO A 54 16.25 30.63 1.87
CA PRO A 54 14.96 30.94 1.26
C PRO A 54 13.88 30.01 1.80
N CYS A 55 12.67 30.58 1.95
CA CYS A 55 11.56 29.76 2.45
C CYS A 55 10.92 29.10 1.22
N LEU A 56 11.03 27.80 1.12
CA LEU A 56 10.45 27.06 -0.01
C LEU A 56 9.27 26.26 0.53
N THR A 57 8.09 26.51 0.04
CA THR A 57 6.89 25.79 0.48
C THR A 57 6.50 24.72 -0.54
N ARG A 58 5.46 23.98 -0.18
CA ARG A 58 4.94 22.91 -1.06
C ARG A 58 4.65 23.41 -2.46
N LYS A 59 4.18 24.66 -2.53
CA LYS A 59 3.88 25.27 -3.82
C LYS A 59 5.14 25.38 -4.64
N GLU A 60 6.27 25.72 -3.98
CA GLU A 60 7.52 25.82 -4.74
C GLU A 60 7.96 24.44 -5.22
N PHE A 61 7.83 23.46 -4.33
CA PHE A 61 8.16 22.08 -4.73
C PHE A 61 7.25 21.62 -5.85
N GLU A 62 6.02 22.19 -5.88
CA GLU A 62 5.09 21.89 -6.96
C GLU A 62 5.48 22.63 -8.22
N GLY A 63 6.46 23.53 -8.12
CA GLY A 63 6.96 24.28 -9.27
C GLY A 63 5.99 25.38 -9.67
N ILE A 64 5.07 25.70 -8.76
CA ILE A 64 4.08 26.72 -9.08
C ILE A 64 4.72 28.11 -9.04
N ASP A 65 5.11 28.57 -10.24
CA ASP A 65 5.71 29.88 -10.36
C ASP A 65 7.00 29.93 -9.52
N TYR A 66 7.76 28.88 -9.67
CA TYR A 66 9.05 28.68 -9.04
C TYR A 66 9.87 27.83 -9.99
N ASP A 67 11.11 28.16 -10.28
CA ASP A 67 11.87 27.28 -11.19
C ASP A 67 12.63 26.29 -10.31
N ARG A 68 12.31 25.01 -10.46
CA ARG A 68 12.93 23.95 -9.69
C ARG A 68 14.31 23.57 -10.11
N GLU A 69 14.89 24.29 -11.06
CA GLU A 69 16.26 24.02 -11.50
C GLU A 69 17.18 25.08 -10.86
N THR A 70 16.53 26.04 -10.23
CA THR A 70 17.24 27.13 -9.56
C THR A 70 18.23 26.53 -8.58
N ASN A 71 19.52 26.76 -8.79
CA ASN A 71 20.54 26.20 -7.89
C ASN A 71 20.28 26.67 -6.47
N LEU A 72 20.29 25.78 -5.48
CA LEU A 72 20.04 26.19 -4.09
C LEU A 72 21.34 26.39 -3.33
N ASN A 73 22.49 26.18 -3.96
CA ASN A 73 23.78 26.37 -3.32
C ASN A 73 23.95 25.63 -2.01
N LEU A 74 23.50 24.38 -1.93
CA LEU A 74 23.57 23.55 -0.75
C LEU A 74 24.86 22.71 -0.76
N THR A 75 25.32 22.33 0.42
CA THR A 75 26.48 21.45 0.52
C THR A 75 25.97 20.00 0.76
N LYS A 76 26.77 19.02 0.38
CA LYS A 76 26.41 17.64 0.60
C LYS A 76 25.95 17.36 2.02
N LEU A 77 26.45 18.09 2.97
CA LEU A 77 26.11 17.92 4.37
C LEU A 77 24.69 18.36 4.68
N GLU A 78 24.35 19.51 4.09
CA GLU A 78 23.02 20.07 4.31
C GLU A 78 21.98 19.10 3.72
N VAL A 79 22.24 18.75 2.47
CA VAL A 79 21.46 17.79 1.72
C VAL A 79 21.28 16.50 2.50
N ILE A 80 22.32 15.87 3.01
CA ILE A 80 22.19 14.68 3.84
C ILE A 80 21.23 14.96 4.97
N THR A 81 21.34 16.14 5.53
CA THR A 81 20.51 16.55 6.65
C THR A 81 19.03 16.61 6.29
N ILE A 82 18.79 17.13 5.12
CA ILE A 82 17.46 17.25 4.55
C ILE A 82 16.90 15.87 4.22
N MET A 83 17.67 15.03 3.54
CA MET A 83 17.27 13.70 3.19
C MET A 83 16.91 12.92 4.45
N GLU A 84 17.63 13.13 5.53
CA GLU A 84 17.31 12.40 6.75
C GLU A 84 15.98 12.83 7.35
N GLN A 85 15.60 14.09 7.23
CA GLN A 85 14.34 14.57 7.78
C GLN A 85 13.17 14.10 6.90
N ALA A 86 13.39 14.08 5.60
CA ALA A 86 12.47 13.61 4.61
C ALA A 86 12.07 12.14 4.90
N PHE A 87 13.06 11.31 5.26
CA PHE A 87 12.89 9.95 5.62
C PHE A 87 12.05 9.82 6.91
N CYS A 88 12.32 10.69 7.86
CA CYS A 88 11.59 10.64 9.13
C CYS A 88 10.13 10.88 8.84
N TYR A 89 9.92 11.83 7.94
CA TYR A 89 8.54 12.16 7.57
C TYR A 89 7.85 10.97 6.88
N LEU A 90 8.48 10.46 5.82
CA LEU A 90 7.94 9.35 5.08
C LEU A 90 7.76 8.09 5.92
N ASN A 91 8.70 7.78 6.77
CA ASN A 91 8.64 6.60 7.60
C ASN A 91 7.29 6.61 8.33
N GLY A 92 6.74 7.79 8.52
CA GLY A 92 5.48 7.98 9.19
C GLY A 92 4.27 7.78 8.27
N LYS A 93 4.45 7.75 6.97
CA LYS A 93 3.36 7.55 6.04
C LYS A 93 3.26 6.02 5.81
N SER A 94 4.41 5.43 5.66
CA SER A 94 4.59 4.01 5.44
C SER A 94 6.06 3.66 5.65
N PRO A 95 6.32 2.76 6.54
CA PRO A 95 7.63 2.27 6.85
C PRO A 95 8.50 1.95 5.66
N ILE A 96 9.69 2.56 5.70
CA ILE A 96 10.71 2.35 4.68
C ILE A 96 11.55 1.15 5.15
N LYS A 97 11.68 0.15 4.32
CA LYS A 97 12.50 -1.03 4.62
C LYS A 97 13.88 -0.67 5.11
N GLY A 98 14.25 -1.16 6.31
CA GLY A 98 15.50 -0.94 6.93
C GLY A 98 15.75 0.39 7.59
N VAL A 99 14.76 1.20 7.84
CA VAL A 99 14.89 2.51 8.46
C VAL A 99 14.15 2.56 9.78
N PHE A 100 14.74 3.09 10.84
CA PHE A 100 14.00 3.21 12.10
C PHE A 100 14.18 4.74 12.42
N VAL A 101 13.26 5.30 13.09
CA VAL A 101 13.35 6.70 13.47
C VAL A 101 13.48 6.80 14.97
N PHE A 102 14.46 7.55 15.46
CA PHE A 102 14.66 7.71 16.89
C PHE A 102 14.42 9.19 17.21
N ASP A 103 13.97 9.38 18.44
CA ASP A 103 13.65 10.70 18.91
C ASP A 103 14.46 11.13 20.13
N ASP A 104 14.88 12.37 20.07
CA ASP A 104 15.61 13.03 21.14
C ASP A 104 14.92 14.39 21.38
N GLU A 105 13.64 14.33 21.75
CA GLU A 105 12.84 15.51 22.00
C GLU A 105 12.68 16.31 20.69
N GLY A 106 11.68 15.98 19.88
CA GLY A 106 11.46 16.72 18.64
C GLY A 106 12.56 16.56 17.62
N LYS A 107 13.69 15.98 18.04
CA LYS A 107 14.80 15.76 17.12
C LYS A 107 14.74 14.31 16.64
N GLU A 108 14.26 14.15 15.41
CA GLU A 108 14.19 12.80 14.85
C GLU A 108 15.45 12.51 14.04
N SER A 109 15.87 11.26 14.08
CA SER A 109 17.06 10.82 13.32
C SER A 109 16.88 9.41 12.80
N VAL A 110 17.53 9.00 11.72
CA VAL A 110 17.44 7.63 11.24
C VAL A 110 18.56 6.74 11.78
N ASN A 111 18.35 5.43 11.85
CA ASN A 111 19.36 4.50 12.31
C ASN A 111 20.64 4.66 11.46
N PHE A 112 21.76 4.35 12.08
CA PHE A 112 23.06 4.51 11.46
C PHE A 112 23.17 3.88 10.09
N VAL A 113 22.76 2.64 9.93
CA VAL A 113 22.85 1.97 8.65
C VAL A 113 22.14 2.71 7.54
N ALA A 114 20.94 3.23 7.83
CA ALA A 114 20.22 4.04 6.87
C ALA A 114 20.94 5.39 6.70
N PHE A 115 21.42 5.97 7.80
CA PHE A 115 22.12 7.27 7.71
C PHE A 115 23.37 7.12 6.86
N ASN A 116 24.01 5.96 6.99
CA ASN A 116 25.18 5.63 6.20
C ASN A 116 24.90 5.49 4.74
N LYS A 117 23.75 4.90 4.30
CA LYS A 117 23.51 4.78 2.85
C LYS A 117 23.16 6.16 2.27
N ILE A 118 22.42 6.94 3.04
CA ILE A 118 22.08 8.29 2.57
C ILE A 118 23.39 9.04 2.31
N THR A 119 24.28 8.95 3.31
CA THR A 119 25.57 9.63 3.27
C THR A 119 26.34 9.18 2.03
N ASP A 120 26.50 7.87 1.93
CA ASP A 120 27.17 7.32 0.77
C ASP A 120 26.55 7.73 -0.54
N VAL A 121 25.21 7.64 -0.68
CA VAL A 121 24.63 8.00 -1.98
C VAL A 121 24.83 9.44 -2.34
N ILE A 122 24.66 10.33 -1.35
CA ILE A 122 24.77 11.76 -1.57
C ILE A 122 26.18 12.24 -1.90
N ASN A 123 27.18 11.67 -1.22
CA ASN A 123 28.57 12.06 -1.45
C ASN A 123 28.99 11.77 -2.86
N ASN A 124 28.37 10.80 -3.47
CA ASN A 124 28.67 10.41 -4.83
C ASN A 124 27.96 11.23 -5.90
N ILE A 125 27.15 12.18 -5.46
CA ILE A 125 26.42 12.98 -6.46
C ILE A 125 27.15 14.30 -6.59
N GLU A 126 27.52 14.62 -7.84
CA GLU A 126 28.26 15.87 -8.02
C GLU A 126 27.46 16.95 -8.69
N ASP A 127 26.18 16.73 -8.94
CA ASP A 127 25.35 17.74 -9.57
C ASP A 127 25.07 18.87 -8.58
N GLN A 128 24.48 19.93 -9.09
CA GLN A 128 24.14 21.06 -8.20
C GLN A 128 22.75 20.79 -7.66
N TRP A 129 22.49 21.21 -6.45
CA TRP A 129 21.26 21.03 -5.76
C TRP A 129 20.17 22.04 -6.06
N SER A 130 19.21 21.65 -6.88
CA SER A 130 18.01 22.35 -7.24
C SER A 130 16.81 21.63 -6.55
N VAL A 131 15.65 22.25 -6.55
CA VAL A 131 14.48 21.57 -5.98
C VAL A 131 14.30 20.29 -6.79
N ARG A 132 14.56 20.35 -8.10
CA ARG A 132 14.49 19.20 -8.98
C ARG A 132 15.48 18.09 -8.68
N ARG A 133 16.75 18.37 -8.38
CA ARG A 133 17.72 17.33 -8.10
C ARG A 133 17.44 16.63 -6.78
N LEU A 134 16.87 17.33 -5.83
CA LEU A 134 16.55 16.79 -4.52
C LEU A 134 15.36 15.79 -4.64
N MET A 135 14.47 16.00 -5.57
CA MET A 135 13.32 15.15 -5.81
C MET A 135 13.78 13.82 -6.41
N GLN A 136 14.67 13.94 -7.39
CA GLN A 136 15.28 12.79 -8.00
C GLN A 136 16.15 12.02 -7.02
N ALA A 137 16.86 12.68 -6.14
CA ALA A 137 17.72 12.00 -5.18
C ALA A 137 16.91 11.23 -4.14
N LEU A 138 15.90 11.89 -3.59
CA LEU A 138 15.03 11.32 -2.59
C LEU A 138 14.26 10.13 -3.15
N GLY A 139 13.59 10.35 -4.26
CA GLY A 139 12.79 9.32 -4.89
C GLY A 139 13.51 8.17 -5.51
N THR A 140 14.48 8.44 -6.40
CA THR A 140 15.21 7.43 -7.10
C THR A 140 16.57 7.04 -6.59
N ASP A 141 17.49 8.00 -6.41
CA ASP A 141 18.85 7.59 -6.00
C ASP A 141 18.82 6.91 -4.65
N LEU A 142 17.96 7.43 -3.75
CA LEU A 142 17.90 6.83 -2.43
C LEU A 142 16.84 5.71 -2.34
N ILE A 143 15.58 6.01 -2.16
CA ILE A 143 14.47 5.12 -1.97
C ILE A 143 14.35 4.01 -3.00
N VAL A 144 14.04 4.30 -4.25
CA VAL A 144 13.93 3.21 -5.23
C VAL A 144 15.20 2.42 -5.33
N ASN A 145 16.34 3.10 -5.53
CA ASN A 145 17.57 2.37 -5.74
C ASN A 145 18.13 1.71 -4.52
N ASN A 146 17.90 2.27 -3.34
CA ASN A 146 18.54 1.62 -2.20
C ASN A 146 17.68 1.17 -1.08
N PHE A 147 16.38 1.48 -1.05
CA PHE A 147 15.63 1.02 0.13
C PHE A 147 14.48 0.13 -0.25
N ASP A 148 13.62 0.61 -1.11
CA ASP A 148 12.42 -0.15 -1.53
C ASP A 148 11.96 0.36 -2.88
N ARG A 149 12.24 -0.44 -3.90
CA ARG A 149 11.94 -0.17 -5.29
C ARG A 149 10.46 0.09 -5.52
N MET A 150 9.60 -0.42 -4.64
CA MET A 150 8.16 -0.26 -4.83
C MET A 150 7.56 0.75 -3.88
N TYR A 151 8.32 1.50 -3.13
CA TYR A 151 7.74 2.43 -2.17
C TYR A 151 6.71 3.37 -2.68
N TRP A 152 6.88 4.01 -3.86
CA TRP A 152 5.91 4.98 -4.30
C TRP A 152 4.64 4.35 -4.84
N VAL A 153 4.75 3.13 -5.29
CA VAL A 153 3.57 2.39 -5.80
C VAL A 153 2.73 1.98 -4.58
N LYS A 154 3.35 1.67 -3.45
CA LYS A 154 2.78 1.32 -2.20
C LYS A 154 1.96 2.44 -1.55
N LEU A 155 2.45 3.67 -1.67
CA LEU A 155 1.69 4.80 -1.12
C LEU A 155 0.50 5.08 -2.03
N PHE A 156 0.69 4.82 -3.33
CA PHE A 156 -0.35 4.93 -4.32
C PHE A 156 -1.52 3.94 -3.97
N ALA A 157 -1.16 2.69 -3.74
CA ALA A 157 -2.10 1.64 -3.37
C ALA A 157 -2.88 2.04 -2.13
N LEU A 158 -2.24 2.63 -1.13
CA LEU A 158 -2.94 3.02 0.08
C LEU A 158 -3.94 4.12 -0.25
N ASP A 159 -3.65 4.96 -1.23
CA ASP A 159 -4.55 6.03 -1.58
C ASP A 159 -5.75 5.44 -2.35
N TYR A 160 -5.41 4.63 -3.34
CA TYR A 160 -6.38 3.97 -4.18
C TYR A 160 -7.40 3.19 -3.33
N LEU A 161 -6.95 2.47 -2.35
CA LEU A 161 -7.81 1.69 -1.48
C LEU A 161 -8.76 2.51 -0.66
N ASP A 162 -8.47 3.81 -0.47
CA ASP A 162 -9.37 4.65 0.27
C ASP A 162 -10.39 5.29 -0.69
N LYS A 163 -10.09 5.23 -1.97
CA LYS A 163 -10.83 5.86 -3.00
C LYS A 163 -11.56 5.05 -4.05
N PHE A 164 -11.24 3.81 -4.26
CA PHE A 164 -11.85 3.00 -5.30
C PHE A 164 -13.37 2.90 -5.22
N ASN A 165 -13.95 2.92 -4.00
CA ASN A 165 -15.37 2.79 -3.87
C ASN A 165 -16.11 4.09 -3.84
N SER A 166 -15.54 5.13 -4.45
CA SER A 166 -16.21 6.44 -4.45
C SER A 166 -16.82 6.64 -5.83
N GLY A 167 -17.51 7.74 -5.97
CA GLY A 167 -18.27 8.08 -7.14
C GLY A 167 -17.58 8.68 -8.30
N TYR A 168 -16.27 8.56 -8.40
CA TYR A 168 -15.55 9.09 -9.55
C TYR A 168 -15.51 8.08 -10.68
N ASP A 169 -15.53 8.58 -11.90
CA ASP A 169 -15.46 7.75 -13.09
C ASP A 169 -14.06 7.26 -13.34
N TYR A 170 -13.05 8.16 -13.09
CA TYR A 170 -11.67 7.81 -13.33
C TYR A 170 -10.74 8.13 -12.14
N TYR A 171 -9.69 7.33 -12.05
CA TYR A 171 -8.62 7.58 -11.07
C TYR A 171 -7.33 7.61 -11.94
N ILE A 172 -6.71 8.75 -12.05
CA ILE A 172 -5.52 9.00 -12.88
C ILE A 172 -4.18 9.16 -12.16
N VAL A 173 -3.17 8.46 -12.61
CA VAL A 173 -1.80 8.53 -12.13
C VAL A 173 -0.99 8.97 -13.37
N PRO A 174 -0.66 10.27 -13.38
CA PRO A 174 -0.05 10.94 -14.49
C PRO A 174 1.44 10.93 -14.57
N ASP A 175 2.11 10.69 -13.45
CA ASP A 175 3.55 10.80 -13.46
C ASP A 175 4.39 9.60 -13.29
N THR A 176 4.04 8.42 -13.73
CA THR A 176 4.92 7.25 -13.56
C THR A 176 6.16 7.40 -14.42
N ARG A 177 7.33 7.09 -13.91
CA ARG A 177 8.57 7.24 -14.60
C ARG A 177 9.43 6.01 -14.63
N GLN A 178 9.05 4.98 -13.89
CA GLN A 178 9.86 3.76 -13.91
C GLN A 178 9.03 2.61 -14.43
N ASP A 179 9.66 1.76 -15.21
CA ASP A 179 9.04 0.61 -15.81
C ASP A 179 8.43 -0.33 -14.79
N HIS A 180 9.16 -0.62 -13.74
CA HIS A 180 8.68 -1.52 -12.68
C HIS A 180 7.42 -1.00 -12.03
N GLU A 181 7.18 0.28 -12.12
CA GLU A 181 5.99 0.90 -11.55
C GLU A 181 4.83 0.71 -12.52
N MET A 182 5.12 0.72 -13.81
CA MET A 182 4.16 0.46 -14.86
C MET A 182 3.75 -1.04 -14.74
N ASP A 183 4.73 -1.86 -14.46
CA ASP A 183 4.48 -3.28 -14.28
C ASP A 183 3.42 -3.50 -13.20
N ALA A 184 3.54 -2.87 -12.05
CA ALA A 184 2.59 -3.02 -10.96
C ALA A 184 1.24 -2.46 -11.37
N ALA A 185 1.21 -1.29 -12.01
CA ALA A 185 -0.03 -0.71 -12.48
C ALA A 185 -0.82 -1.71 -13.35
N ARG A 186 -0.11 -2.39 -14.23
CA ARG A 186 -0.66 -3.35 -15.16
C ARG A 186 -1.20 -4.60 -14.46
N ALA A 187 -0.47 -5.11 -13.49
CA ALA A 187 -0.87 -6.25 -12.69
C ALA A 187 -2.21 -5.92 -12.02
N MET A 188 -2.36 -4.68 -11.54
CA MET A 188 -3.54 -4.18 -10.91
C MET A 188 -4.69 -3.82 -11.81
N GLY A 189 -4.64 -4.09 -13.09
CA GLY A 189 -5.78 -3.79 -13.94
C GLY A 189 -5.84 -2.40 -14.46
N ALA A 190 -4.76 -1.62 -14.27
CA ALA A 190 -4.80 -0.25 -14.79
C ALA A 190 -4.78 -0.30 -16.32
N THR A 191 -5.39 0.68 -16.92
CA THR A 191 -5.30 0.94 -18.36
C THR A 191 -4.13 1.96 -18.52
N VAL A 192 -3.09 1.60 -19.22
CA VAL A 192 -1.94 2.47 -19.46
C VAL A 192 -2.09 3.22 -20.78
N ILE A 193 -2.07 4.54 -20.73
CA ILE A 193 -2.17 5.30 -21.98
C ILE A 193 -0.86 6.06 -22.23
N HIS A 194 -0.16 5.78 -23.30
CA HIS A 194 1.05 6.47 -23.70
C HIS A 194 0.70 7.66 -24.61
N VAL A 195 1.14 8.86 -24.29
CA VAL A 195 0.96 10.04 -25.13
C VAL A 195 2.36 10.31 -25.77
N VAL A 196 2.40 10.09 -27.06
CA VAL A 196 3.57 10.14 -27.88
C VAL A 196 3.62 11.18 -28.97
N ARG A 197 4.74 11.90 -28.96
CA ARG A 197 5.02 12.93 -30.00
C ARG A 197 6.03 12.24 -30.92
N PRO A 198 5.64 11.95 -32.12
CA PRO A 198 6.48 11.28 -33.10
C PRO A 198 7.94 11.68 -32.99
N GLY A 199 8.79 10.69 -32.68
CA GLY A 199 10.21 10.87 -32.53
C GLY A 199 10.60 12.06 -31.67
N GLN A 200 10.39 11.93 -30.36
CA GLN A 200 10.70 13.00 -29.43
C GLN A 200 11.26 12.48 -28.10
N LYS A 201 11.99 13.37 -27.42
CA LYS A 201 12.64 13.08 -26.15
C LYS A 201 12.64 14.21 -25.13
N SER A 202 12.85 13.82 -23.85
CA SER A 202 12.94 14.80 -22.76
C SER A 202 14.43 15.00 -22.44
N ASN A 203 14.86 16.24 -22.27
CA ASN A 203 16.24 16.62 -22.01
C ASN A 203 16.87 16.09 -20.73
N ASP A 204 16.20 15.31 -19.90
CA ASP A 204 16.80 14.85 -18.64
C ASP A 204 17.35 13.43 -18.77
N THR A 205 18.60 13.31 -18.32
CA THR A 205 19.33 12.06 -18.31
C THR A 205 18.86 11.12 -17.22
N HIS A 206 18.06 11.62 -16.27
CA HIS A 206 17.54 10.74 -15.21
C HIS A 206 16.65 9.67 -15.88
N ILE A 207 16.54 8.51 -15.27
CA ILE A 207 15.75 7.39 -15.76
C ILE A 207 14.25 7.62 -15.51
N THR A 208 14.01 8.73 -14.85
CA THR A 208 12.73 9.30 -14.48
C THR A 208 12.39 10.44 -15.48
N GLU A 209 13.25 10.52 -16.51
CA GLU A 209 13.15 11.51 -17.57
C GLU A 209 13.18 10.88 -18.96
N ALA A 210 13.22 9.57 -18.99
CA ALA A 210 13.23 8.74 -20.19
C ALA A 210 11.87 8.11 -20.47
N GLY A 211 11.67 7.61 -21.68
CA GLY A 211 10.48 6.99 -22.15
C GLY A 211 10.29 5.51 -21.92
N LEU A 212 9.12 5.15 -21.38
CA LEU A 212 8.69 3.81 -21.03
C LEU A 212 8.16 3.00 -22.19
N PRO A 213 8.41 1.70 -22.18
CA PRO A 213 7.98 0.79 -23.19
C PRO A 213 6.47 0.58 -23.18
N ILE A 214 5.98 0.51 -24.41
CA ILE A 214 4.58 0.27 -24.72
C ILE A 214 4.51 -1.27 -24.71
N ARG A 215 3.77 -1.84 -23.81
CA ARG A 215 3.69 -3.32 -23.77
C ARG A 215 2.31 -3.60 -24.37
N ASP A 216 1.99 -4.84 -24.77
CA ASP A 216 0.66 -5.02 -25.36
C ASP A 216 -0.41 -4.75 -24.32
N GLY A 217 -1.52 -4.26 -24.86
CA GLY A 217 -2.64 -3.87 -23.99
C GLY A 217 -2.50 -2.33 -23.84
N ASP A 218 -1.25 -1.86 -23.87
CA ASP A 218 -1.06 -0.42 -23.74
C ASP A 218 -1.78 0.27 -24.90
N LEU A 219 -2.46 1.36 -24.62
CA LEU A 219 -3.09 2.17 -25.64
C LEU A 219 -2.01 3.25 -25.96
N VAL A 220 -2.19 3.97 -27.03
CA VAL A 220 -1.18 5.01 -27.37
C VAL A 220 -1.87 6.16 -28.07
N ILE A 221 -1.70 7.38 -27.60
CA ILE A 221 -2.29 8.53 -28.31
C ILE A 221 -1.10 9.23 -29.02
N THR A 222 -1.03 9.16 -30.34
CA THR A 222 0.08 9.78 -31.08
C THR A 222 -0.19 11.25 -31.25
N ASN A 223 0.64 12.10 -30.59
CA ASN A 223 0.33 13.53 -30.70
C ASN A 223 1.11 14.11 -31.88
N ASP A 224 0.55 13.98 -33.08
CA ASP A 224 1.16 14.40 -34.32
C ASP A 224 0.39 15.45 -35.07
N GLY A 225 -0.33 16.34 -34.39
CA GLY A 225 -1.09 17.40 -34.98
C GLY A 225 -1.45 18.56 -34.10
N SER A 226 -2.65 19.07 -34.32
CA SER A 226 -3.29 20.16 -33.64
C SER A 226 -3.66 19.74 -32.21
N LEU A 227 -4.10 20.68 -31.40
CA LEU A 227 -4.56 20.47 -30.05
C LEU A 227 -5.97 19.88 -30.02
N GLU A 228 -6.80 20.32 -30.95
CA GLU A 228 -8.17 19.88 -31.12
C GLU A 228 -8.16 18.40 -31.52
N GLU A 229 -7.13 18.05 -32.29
CA GLU A 229 -7.00 16.67 -32.72
C GLU A 229 -6.52 15.84 -31.54
N LEU A 230 -5.81 16.47 -30.61
CA LEU A 230 -5.36 15.69 -29.44
C LEU A 230 -6.61 15.39 -28.56
N PHE A 231 -7.40 16.43 -28.37
CA PHE A 231 -8.62 16.34 -27.61
C PHE A 231 -9.57 15.32 -28.19
N SER A 232 -9.68 15.20 -29.50
CA SER A 232 -10.57 14.20 -30.09
C SER A 232 -9.99 12.82 -29.82
N LYS A 233 -8.68 12.66 -30.03
CA LYS A 233 -8.05 11.35 -29.81
C LYS A 233 -8.29 10.87 -28.38
N ILE A 234 -8.26 11.79 -27.44
CA ILE A 234 -8.46 11.49 -26.03
C ILE A 234 -9.95 11.16 -25.80
N LYS A 235 -10.86 11.95 -26.34
CA LYS A 235 -12.29 11.65 -26.16
C LYS A 235 -12.59 10.26 -26.73
N ASN A 236 -12.07 9.96 -27.91
CA ASN A 236 -12.30 8.67 -28.52
C ASN A 236 -11.55 7.56 -27.84
N THR A 237 -10.44 7.80 -27.18
CA THR A 237 -9.75 6.64 -26.54
C THR A 237 -10.53 6.22 -25.29
N LEU A 238 -11.02 7.25 -24.61
CA LEU A 238 -11.73 7.03 -23.38
C LEU A 238 -13.09 6.40 -23.69
N LYS A 239 -13.73 6.85 -24.77
CA LYS A 239 -15.06 6.25 -25.06
C LYS A 239 -14.88 4.77 -25.28
N VAL A 240 -13.82 4.37 -25.97
CA VAL A 240 -13.54 2.95 -26.17
C VAL A 240 -13.70 2.22 -24.85
N LEU A 241 -13.17 2.81 -23.77
CA LEU A 241 -13.21 2.26 -22.43
C LEU A 241 -14.36 2.83 -21.60
N MET B 1 3.22 -13.02 -11.74
CA MET B 1 2.54 -13.43 -10.49
C MET B 1 1.03 -13.17 -10.62
N LYS B 2 0.23 -14.23 -10.54
CA LYS B 2 -1.21 -14.12 -10.63
C LYS B 2 -1.74 -13.96 -9.19
N LEU B 3 -2.56 -12.97 -8.99
CA LEU B 3 -3.15 -12.68 -7.71
C LEU B 3 -4.48 -13.47 -7.62
N ILE B 4 -4.58 -14.36 -6.65
CA ILE B 4 -5.84 -15.11 -6.49
C ILE B 4 -6.44 -14.94 -5.10
N PHE B 5 -7.72 -14.56 -5.07
CA PHE B 5 -8.47 -14.48 -3.81
C PHE B 5 -9.51 -15.65 -3.81
N LEU B 6 -9.34 -16.57 -2.86
CA LEU B 6 -10.21 -17.68 -2.71
C LEU B 6 -11.41 -17.33 -1.84
N SER B 7 -12.56 -17.89 -2.22
CA SER B 7 -13.80 -17.68 -1.50
C SER B 7 -14.54 -19.00 -1.27
N GLY B 8 -15.03 -19.21 -0.05
CA GLY B 8 -15.75 -20.45 0.20
C GLY B 8 -16.09 -20.57 1.67
N VAL B 9 -17.18 -21.27 1.90
CA VAL B 9 -17.67 -21.50 3.26
C VAL B 9 -17.00 -22.74 3.83
N LYS B 10 -17.12 -22.89 5.13
CA LYS B 10 -16.54 -24.02 5.87
C LYS B 10 -16.99 -25.33 5.24
N ARG B 11 -16.03 -26.21 5.00
CA ARG B 11 -16.19 -27.48 4.37
C ARG B 11 -16.50 -27.44 2.88
N SER B 12 -16.44 -26.31 2.18
CA SER B 12 -16.73 -26.28 0.75
C SER B 12 -15.57 -26.89 -0.04
N GLY B 13 -14.42 -26.96 0.62
CA GLY B 13 -13.22 -27.48 0.00
C GLY B 13 -12.33 -26.30 -0.43
N LYS B 14 -12.58 -25.11 0.12
CA LYS B 14 -11.80 -23.94 -0.21
C LYS B 14 -10.37 -24.04 0.34
N ASP B 15 -10.26 -24.58 1.54
CA ASP B 15 -8.98 -24.77 2.19
C ASP B 15 -8.15 -25.86 1.54
N THR B 16 -8.82 -26.87 1.03
CA THR B 16 -8.20 -27.98 0.31
C THR B 16 -7.64 -27.44 -1.00
N THR B 17 -8.37 -26.49 -1.55
CA THR B 17 -7.96 -25.82 -2.80
C THR B 17 -6.72 -24.97 -2.55
N ALA B 18 -6.65 -24.25 -1.43
CA ALA B 18 -5.49 -23.39 -1.16
C ALA B 18 -4.26 -24.26 -0.97
N ASP B 19 -4.43 -25.37 -0.30
CA ASP B 19 -3.37 -26.34 -0.04
C ASP B 19 -2.80 -27.01 -1.29
N PHE B 20 -3.69 -27.50 -2.14
CA PHE B 20 -3.30 -28.16 -3.36
C PHE B 20 -2.49 -27.24 -4.26
N ILE B 21 -2.77 -25.94 -4.20
CA ILE B 21 -2.06 -24.98 -5.06
C ILE B 21 -0.69 -24.67 -4.45
N MET B 22 -0.75 -24.52 -3.12
CA MET B 22 0.47 -24.23 -2.37
C MET B 22 1.45 -25.39 -2.56
N SER B 23 0.93 -26.60 -2.60
CA SER B 23 1.70 -27.80 -2.78
C SER B 23 2.13 -28.08 -4.20
N ASN B 24 1.36 -27.70 -5.20
CA ASN B 24 1.66 -28.01 -6.57
C ASN B 24 2.16 -26.93 -7.47
N TYR B 25 2.22 -25.67 -7.06
CA TYR B 25 2.67 -24.61 -7.97
C TYR B 25 3.67 -23.69 -7.29
N SER B 26 4.24 -22.76 -8.05
CA SER B 26 5.16 -21.79 -7.39
C SER B 26 4.23 -20.71 -6.83
N ALA B 27 3.91 -20.82 -5.55
CA ALA B 27 2.94 -19.88 -4.99
C ALA B 27 3.32 -19.43 -3.61
N VAL B 28 2.90 -18.22 -3.28
CA VAL B 28 3.14 -17.69 -1.94
C VAL B 28 1.73 -17.41 -1.38
N LYS B 29 1.52 -17.51 -0.10
CA LYS B 29 0.24 -17.36 0.56
C LYS B 29 0.21 -16.24 1.57
N TYR B 30 -0.87 -15.47 1.58
CA TYR B 30 -1.05 -14.40 2.52
C TYR B 30 -2.44 -14.43 3.12
N GLN B 31 -2.53 -14.40 4.45
CA GLN B 31 -3.75 -14.36 5.18
C GLN B 31 -4.11 -12.94 5.62
N LEU B 32 -5.28 -12.43 5.27
CA LEU B 32 -5.68 -11.13 5.74
C LEU B 32 -5.64 -11.05 7.26
N ALA B 33 -5.89 -12.16 7.93
CA ALA B 33 -5.91 -12.20 9.38
C ALA B 33 -4.55 -12.45 9.99
N GLY B 34 -3.50 -12.63 9.19
CA GLY B 34 -2.16 -12.82 9.74
C GLY B 34 -1.83 -11.78 10.79
N PRO B 35 -1.79 -10.51 10.42
CA PRO B 35 -1.44 -9.41 11.30
C PRO B 35 -2.29 -9.28 12.55
N ILE B 36 -3.55 -9.75 12.48
CA ILE B 36 -4.46 -9.72 13.60
C ILE B 36 -3.92 -10.65 14.67
N LYS B 37 -3.57 -11.88 14.32
CA LYS B 37 -2.99 -12.81 15.25
C LYS B 37 -1.61 -12.41 15.71
N ASP B 38 -0.80 -11.74 14.86
CA ASP B 38 0.53 -11.28 15.23
C ASP B 38 0.43 -10.18 16.29
N ALA B 39 -0.51 -9.26 16.09
CA ALA B 39 -0.69 -8.16 17.04
C ALA B 39 -1.30 -8.62 18.36
N LEU B 40 -2.19 -9.59 18.35
CA LEU B 40 -2.81 -10.11 19.55
C LEU B 40 -1.74 -10.87 20.33
N ALA B 41 -0.91 -11.64 19.64
CA ALA B 41 0.17 -12.41 20.25
C ALA B 41 1.21 -11.47 20.85
N TYR B 42 1.43 -10.35 20.18
CA TYR B 42 2.37 -9.34 20.68
C TYR B 42 1.77 -8.65 21.90
N ALA B 43 0.55 -8.18 21.76
CA ALA B 43 -0.13 -7.47 22.83
C ALA B 43 -0.39 -8.42 23.99
N TRP B 44 -0.45 -9.72 23.72
CA TRP B 44 -0.69 -10.67 24.79
C TRP B 44 0.55 -10.85 25.64
N GLY B 45 1.66 -11.20 25.01
CA GLY B 45 2.89 -11.41 25.76
C GLY B 45 3.08 -10.25 26.75
N VAL B 46 2.95 -9.03 26.22
CA VAL B 46 3.11 -7.82 27.01
C VAL B 46 2.20 -7.82 28.23
N PHE B 47 0.92 -8.13 28.04
CA PHE B 47 -0.03 -8.15 29.14
C PHE B 47 0.07 -9.36 30.04
N ALA B 48 -0.09 -10.57 29.54
CA ALA B 48 -0.03 -11.81 30.30
C ALA B 48 1.31 -12.00 31.03
N ALA B 49 2.21 -11.05 30.85
CA ALA B 49 3.51 -11.08 31.54
C ALA B 49 3.23 -10.62 32.98
N ASN B 50 2.72 -9.39 33.09
CA ASN B 50 2.35 -8.78 34.34
C ASN B 50 1.55 -9.75 35.22
N THR B 51 0.53 -10.36 34.61
CA THR B 51 -0.38 -11.24 35.25
C THR B 51 0.09 -12.68 35.44
N ASP B 52 -0.82 -13.41 36.09
CA ASP B 52 -0.73 -14.81 36.42
C ASP B 52 -1.63 -15.56 35.41
N TYR B 53 -1.45 -15.11 34.16
CA TYR B 53 -2.21 -15.67 33.06
C TYR B 53 -1.38 -16.68 32.28
N PRO B 54 -2.10 -17.55 31.59
CA PRO B 54 -1.53 -18.60 30.76
C PRO B 54 -0.59 -18.00 29.72
N CYS B 55 0.25 -18.83 29.10
CA CYS B 55 1.12 -18.23 28.07
C CYS B 55 0.64 -18.62 26.68
N LEU B 56 0.25 -17.58 25.94
CA LEU B 56 -0.23 -17.63 24.61
C LEU B 56 0.80 -17.07 23.62
N THR B 57 1.41 -18.03 22.94
CA THR B 57 2.39 -17.81 21.91
C THR B 57 1.67 -17.56 20.58
N ARG B 58 2.40 -17.14 19.57
CA ARG B 58 1.81 -16.92 18.25
C ARG B 58 1.33 -18.25 17.69
N LYS B 59 1.86 -19.35 18.18
CA LYS B 59 1.47 -20.68 17.71
C LYS B 59 0.09 -21.10 18.21
N GLU B 60 -0.44 -20.59 19.31
CA GLU B 60 -1.76 -20.92 19.79
C GLU B 60 -2.81 -19.98 19.17
N PHE B 61 -2.37 -18.75 18.90
CA PHE B 61 -3.23 -17.75 18.25
C PHE B 61 -3.57 -18.29 16.87
N GLU B 62 -2.67 -19.13 16.37
CA GLU B 62 -2.84 -19.80 15.10
C GLU B 62 -3.78 -21.00 15.28
N GLY B 63 -3.97 -21.37 16.54
CA GLY B 63 -4.81 -22.49 16.90
C GLY B 63 -4.03 -23.81 16.76
N ILE B 64 -2.72 -23.73 16.85
CA ILE B 64 -1.85 -24.89 16.76
C ILE B 64 -1.86 -25.60 18.13
N ASP B 65 -2.63 -26.69 18.10
CA ASP B 65 -2.81 -27.53 19.28
C ASP B 65 -3.29 -26.70 20.46
N TYR B 66 -4.31 -25.90 20.18
CA TYR B 66 -4.96 -24.97 21.08
C TYR B 66 -6.38 -24.64 20.61
N ASP B 67 -7.34 -24.59 21.53
CA ASP B 67 -8.72 -24.27 21.13
C ASP B 67 -9.00 -22.79 21.30
N ARG B 68 -9.30 -22.07 20.22
CA ARG B 68 -9.53 -20.63 20.39
C ARG B 68 -10.89 -20.26 20.88
N GLU B 69 -11.76 -21.24 21.12
CA GLU B 69 -13.11 -21.02 21.64
C GLU B 69 -13.09 -20.90 23.17
N THR B 70 -11.99 -21.35 23.73
CA THR B 70 -11.68 -21.32 25.14
C THR B 70 -11.85 -19.94 25.75
N ASN B 71 -12.49 -19.87 26.90
CA ASN B 71 -12.69 -18.60 27.63
C ASN B 71 -11.46 -18.25 28.42
N LEU B 72 -10.93 -17.03 28.37
CA LEU B 72 -9.71 -16.68 29.10
C LEU B 72 -9.99 -15.93 30.40
N ASN B 73 -11.25 -15.68 30.63
CA ASN B 73 -11.78 -15.01 31.80
C ASN B 73 -11.19 -13.62 31.93
N LEU B 74 -11.42 -12.80 30.91
CA LEU B 74 -10.86 -11.46 30.91
C LEU B 74 -11.91 -10.40 31.27
N THR B 75 -11.43 -9.38 31.95
CA THR B 75 -12.22 -8.22 32.33
C THR B 75 -12.29 -7.34 31.06
N LYS B 76 -13.33 -6.55 30.92
CA LYS B 76 -13.39 -5.62 29.79
C LYS B 76 -12.19 -4.68 29.88
N LEU B 77 -11.66 -4.55 31.11
CA LEU B 77 -10.52 -3.70 31.38
C LEU B 77 -9.20 -4.29 30.92
N GLU B 78 -9.09 -5.62 30.93
CA GLU B 78 -7.84 -6.24 30.47
C GLU B 78 -7.91 -6.33 28.95
N VAL B 79 -9.11 -6.57 28.44
CA VAL B 79 -9.26 -6.64 26.97
C VAL B 79 -8.89 -5.30 26.35
N ILE B 80 -9.30 -4.20 26.97
CA ILE B 80 -8.96 -2.86 26.49
C ILE B 80 -7.47 -2.58 26.56
N THR B 81 -6.76 -3.05 27.58
CA THR B 81 -5.31 -2.76 27.58
C THR B 81 -4.64 -3.62 26.50
N ILE B 82 -5.10 -4.85 26.32
CA ILE B 82 -4.58 -5.78 25.34
C ILE B 82 -4.70 -5.17 23.94
N MET B 83 -5.88 -4.65 23.66
CA MET B 83 -6.25 -4.04 22.42
C MET B 83 -5.42 -2.79 22.16
N GLU B 84 -5.20 -2.00 23.21
CA GLU B 84 -4.43 -0.80 22.99
C GLU B 84 -3.00 -1.17 22.61
N GLN B 85 -2.47 -2.27 23.13
CA GLN B 85 -1.12 -2.69 22.80
C GLN B 85 -1.01 -3.23 21.37
N ALA B 86 -2.06 -3.89 20.92
CA ALA B 86 -2.13 -4.47 19.59
C ALA B 86 -2.22 -3.33 18.57
N PHE B 87 -2.86 -2.24 18.96
CA PHE B 87 -2.97 -1.07 18.11
C PHE B 87 -1.57 -0.43 17.95
N CYS B 88 -0.75 -0.52 18.99
CA CYS B 88 0.59 0.03 18.98
C CYS B 88 1.47 -0.80 18.04
N TYR B 89 1.28 -2.12 18.10
CA TYR B 89 1.97 -3.04 17.21
C TYR B 89 1.62 -2.72 15.75
N LEU B 90 0.36 -2.69 15.39
CA LEU B 90 -0.17 -2.45 14.07
C LEU B 90 0.22 -1.14 13.43
N ASN B 91 0.16 -0.07 14.22
CA ASN B 91 0.48 1.29 13.82
C ASN B 91 1.90 1.35 13.26
N GLY B 92 2.79 0.48 13.72
CA GLY B 92 4.15 0.36 13.25
C GLY B 92 4.22 -0.35 11.91
N LYS B 93 3.17 -1.08 11.52
CA LYS B 93 3.09 -1.75 10.23
C LYS B 93 2.50 -0.75 9.22
N SER B 94 1.36 -0.20 9.60
CA SER B 94 0.74 0.83 8.75
C SER B 94 -0.19 1.64 9.63
N PRO B 95 -0.09 2.94 9.58
CA PRO B 95 -0.87 3.84 10.38
C PRO B 95 -2.36 3.53 10.25
N ILE B 96 -3.00 3.39 11.40
CA ILE B 96 -4.44 3.16 11.47
C ILE B 96 -5.06 4.55 11.48
N LYS B 97 -5.96 4.90 10.58
CA LYS B 97 -6.46 6.27 10.54
C LYS B 97 -6.88 6.80 11.90
N GLY B 98 -6.33 7.96 12.27
CA GLY B 98 -6.65 8.62 13.51
C GLY B 98 -6.07 8.05 14.78
N VAL B 99 -4.94 7.37 14.71
CA VAL B 99 -4.27 6.79 15.85
C VAL B 99 -2.82 7.29 15.90
N PHE B 100 -2.40 7.68 17.09
CA PHE B 100 -1.03 8.13 17.33
C PHE B 100 -0.43 7.33 18.50
N VAL B 101 0.77 6.82 18.40
CA VAL B 101 1.34 6.05 19.50
C VAL B 101 2.44 6.84 20.19
N PHE B 102 2.29 7.04 21.50
CA PHE B 102 3.34 7.77 22.21
C PHE B 102 4.08 6.89 23.22
N ASP B 103 5.41 7.06 23.25
CA ASP B 103 6.22 6.31 24.21
C ASP B 103 6.12 7.00 25.58
N ASP B 104 5.97 6.17 26.59
CA ASP B 104 5.83 6.60 27.97
C ASP B 104 6.93 6.01 28.86
N GLU B 105 8.15 6.02 28.35
CA GLU B 105 9.30 5.47 29.09
C GLU B 105 9.23 3.95 29.05
N GLY B 106 9.25 3.41 27.84
CA GLY B 106 9.15 1.95 27.68
C GLY B 106 7.66 1.57 27.83
N LYS B 107 6.80 2.49 27.42
CA LYS B 107 5.36 2.29 27.46
C LYS B 107 4.71 3.03 26.28
N GLU B 108 4.53 2.34 25.16
CA GLU B 108 3.85 3.06 24.05
C GLU B 108 2.36 3.05 24.44
N SER B 109 1.66 4.11 24.07
CA SER B 109 0.23 4.23 24.36
C SER B 109 -0.43 4.92 23.17
N VAL B 110 -1.73 4.79 23.02
CA VAL B 110 -2.44 5.41 21.91
C VAL B 110 -3.08 6.73 22.38
N ASN B 111 -3.20 7.70 21.49
CA ASN B 111 -3.80 9.00 21.82
C ASN B 111 -5.11 8.76 22.54
N PHE B 112 -5.70 9.76 23.19
CA PHE B 112 -6.91 9.54 23.97
C PHE B 112 -8.17 9.22 23.25
N VAL B 113 -8.45 9.86 22.14
CA VAL B 113 -9.66 9.56 21.36
C VAL B 113 -9.68 8.07 20.97
N ALA B 114 -8.55 7.64 20.39
CA ALA B 114 -8.41 6.26 19.96
C ALA B 114 -8.59 5.40 21.22
N PHE B 115 -7.94 5.85 22.30
CA PHE B 115 -8.08 5.12 23.56
C PHE B 115 -9.54 5.05 24.00
N ASN B 116 -10.22 6.20 24.05
CA ASN B 116 -11.63 6.20 24.44
C ASN B 116 -12.40 5.36 23.43
N LYS B 117 -12.21 5.62 22.13
CA LYS B 117 -12.98 4.83 21.15
C LYS B 117 -12.87 3.35 21.44
N ILE B 118 -11.69 2.89 21.87
CA ILE B 118 -11.52 1.46 22.18
C ILE B 118 -12.35 1.10 23.42
N THR B 119 -12.32 2.01 24.40
CA THR B 119 -13.06 1.82 25.65
C THR B 119 -14.54 1.61 25.37
N ASP B 120 -15.20 2.53 24.66
CA ASP B 120 -16.61 2.40 24.34
C ASP B 120 -16.85 1.12 23.55
N VAL B 121 -16.02 0.88 22.53
CA VAL B 121 -16.28 -0.35 21.75
C VAL B 121 -16.17 -1.56 22.65
N ILE B 122 -15.04 -1.72 23.36
CA ILE B 122 -14.92 -2.90 24.22
C ILE B 122 -15.99 -2.91 25.28
N ASN B 123 -16.41 -1.76 25.80
CA ASN B 123 -17.44 -1.76 26.83
C ASN B 123 -18.79 -2.30 26.48
N ASN B 124 -19.17 -2.47 25.23
CA ASN B 124 -20.47 -3.02 24.88
C ASN B 124 -20.36 -4.44 24.40
N ILE B 125 -19.21 -5.08 24.56
CA ILE B 125 -19.09 -6.48 24.10
C ILE B 125 -19.56 -7.33 25.30
N GLU B 126 -20.78 -7.84 25.16
CA GLU B 126 -21.36 -8.63 26.26
C GLU B 126 -20.96 -10.09 26.16
N ASP B 127 -19.97 -10.41 25.33
CA ASP B 127 -19.55 -11.81 25.21
C ASP B 127 -18.35 -12.10 26.13
N GLN B 128 -18.05 -13.39 26.19
CA GLN B 128 -16.93 -13.89 26.98
C GLN B 128 -15.71 -13.87 26.04
N TRP B 129 -14.58 -13.49 26.58
CA TRP B 129 -13.36 -13.34 25.86
C TRP B 129 -12.48 -14.53 25.64
N SER B 130 -12.55 -15.10 24.43
CA SER B 130 -11.69 -16.20 24.02
C SER B 130 -10.71 -15.61 22.97
N VAL B 131 -9.81 -16.43 22.45
CA VAL B 131 -8.85 -15.96 21.44
C VAL B 131 -9.62 -15.56 20.17
N ARG B 132 -10.57 -16.40 19.80
CA ARG B 132 -11.42 -16.18 18.67
C ARG B 132 -12.19 -14.87 18.74
N ARG B 133 -12.56 -14.40 19.91
CA ARG B 133 -13.35 -13.18 20.07
C ARG B 133 -12.46 -11.96 20.10
N LEU B 134 -11.23 -12.22 20.54
CA LEU B 134 -10.26 -11.11 20.58
C LEU B 134 -9.96 -10.74 19.11
N MET B 135 -9.90 -11.75 18.26
CA MET B 135 -9.62 -11.59 16.85
C MET B 135 -10.70 -10.82 16.14
N GLN B 136 -11.96 -11.08 16.45
CA GLN B 136 -13.07 -10.36 15.80
C GLN B 136 -13.19 -8.96 16.36
N ALA B 137 -12.94 -8.85 17.66
CA ALA B 137 -12.98 -7.57 18.34
C ALA B 137 -11.94 -6.66 17.67
N LEU B 138 -10.68 -7.13 17.64
CA LEU B 138 -9.59 -6.41 17.04
C LEU B 138 -9.88 -6.11 15.57
N GLY B 139 -10.02 -7.19 14.79
CA GLY B 139 -10.23 -7.11 13.41
C GLY B 139 -11.47 -6.44 12.91
N THR B 140 -12.61 -6.66 13.56
CA THR B 140 -13.86 -6.11 13.05
C THR B 140 -14.57 -5.10 13.90
N ASP B 141 -14.83 -5.43 15.16
CA ASP B 141 -15.52 -4.48 16.04
C ASP B 141 -14.77 -3.17 16.13
N LEU B 142 -13.43 -3.31 16.20
CA LEU B 142 -12.60 -2.12 16.33
C LEU B 142 -12.13 -1.58 15.01
N ILE B 143 -11.12 -2.18 14.38
CA ILE B 143 -10.58 -1.63 13.16
C ILE B 143 -11.55 -1.43 12.03
N VAL B 144 -12.10 -2.51 11.45
CA VAL B 144 -12.97 -2.40 10.31
C VAL B 144 -14.19 -1.53 10.56
N ASN B 145 -14.90 -1.73 11.67
CA ASN B 145 -16.10 -0.95 11.89
C ASN B 145 -15.86 0.45 12.40
N ASN B 146 -14.79 0.71 13.14
CA ASN B 146 -14.56 2.01 13.69
C ASN B 146 -13.36 2.80 13.25
N PHE B 147 -12.36 2.23 12.60
CA PHE B 147 -11.19 3.02 12.22
C PHE B 147 -10.92 3.03 10.73
N ASP B 148 -10.82 1.87 10.09
CA ASP B 148 -10.55 1.82 8.66
C ASP B 148 -11.09 0.51 8.09
N ARG B 149 -12.13 0.60 7.30
CA ARG B 149 -12.78 -0.49 6.64
C ARG B 149 -11.77 -1.37 5.86
N MET B 150 -10.82 -0.66 5.24
CA MET B 150 -9.85 -1.32 4.37
C MET B 150 -8.49 -1.61 4.95
N TYR B 151 -8.29 -1.43 6.24
CA TYR B 151 -7.02 -1.67 6.87
C TYR B 151 -6.41 -3.00 6.66
N TRP B 152 -7.16 -4.14 6.61
CA TRP B 152 -6.54 -5.43 6.46
C TRP B 152 -6.14 -5.69 5.02
N VAL B 153 -6.81 -5.06 4.10
CA VAL B 153 -6.52 -5.14 2.67
C VAL B 153 -5.28 -4.25 2.37
N LYS B 154 -5.14 -3.20 3.13
CA LYS B 154 -3.98 -2.29 2.99
C LYS B 154 -2.69 -3.05 3.31
N LEU B 155 -2.69 -3.77 4.41
CA LEU B 155 -1.59 -4.59 4.83
C LEU B 155 -1.27 -5.66 3.80
N PHE B 156 -2.27 -6.19 3.12
CA PHE B 156 -2.10 -7.15 2.06
C PHE B 156 -1.44 -6.50 0.85
N ALA B 157 -1.91 -5.29 0.48
CA ALA B 157 -1.42 -4.52 -0.62
C ALA B 157 0.11 -4.26 -0.47
N LEU B 158 0.54 -3.99 0.74
CA LEU B 158 1.94 -3.76 1.07
C LEU B 158 2.75 -5.03 0.91
N ASP B 159 2.30 -6.16 1.42
CA ASP B 159 3.02 -7.42 1.23
C ASP B 159 3.00 -7.88 -0.21
N TYR B 160 1.87 -7.74 -0.90
CA TYR B 160 1.79 -8.14 -2.30
C TYR B 160 2.80 -7.42 -3.19
N LEU B 161 2.90 -6.09 -3.02
CA LEU B 161 3.81 -5.25 -3.79
C LEU B 161 5.27 -5.60 -3.52
N ASP B 162 5.59 -5.98 -2.32
CA ASP B 162 6.85 -6.44 -1.86
C ASP B 162 7.31 -7.73 -2.52
N LYS B 163 6.36 -8.60 -2.80
CA LYS B 163 6.62 -9.93 -3.35
C LYS B 163 6.45 -9.91 -4.87
N PHE B 164 6.19 -8.72 -5.35
CA PHE B 164 5.93 -8.51 -6.74
C PHE B 164 6.95 -9.04 -7.69
N ASN B 165 8.23 -8.77 -7.50
CA ASN B 165 9.25 -9.27 -8.42
C ASN B 165 9.91 -10.56 -7.90
N SER B 166 9.22 -11.37 -7.11
CA SER B 166 9.83 -12.53 -6.49
C SER B 166 9.85 -13.83 -7.22
N GLY B 167 9.35 -13.94 -8.45
CA GLY B 167 9.40 -15.22 -9.14
C GLY B 167 8.41 -16.27 -8.72
N TYR B 168 7.41 -15.93 -7.91
CA TYR B 168 6.36 -16.87 -7.52
C TYR B 168 5.31 -16.81 -8.65
N ASP B 169 4.67 -17.91 -8.95
CA ASP B 169 3.66 -17.88 -10.02
C ASP B 169 2.34 -17.32 -9.51
N TYR B 170 1.94 -17.68 -8.28
CA TYR B 170 0.70 -17.23 -7.73
C TYR B 170 0.88 -16.67 -6.32
N TYR B 171 0.02 -15.72 -6.06
CA TYR B 171 -0.11 -15.08 -4.77
C TYR B 171 -1.58 -15.36 -4.36
N ILE B 172 -1.73 -16.16 -3.33
CA ILE B 172 -3.01 -16.64 -2.86
C ILE B 172 -3.45 -16.00 -1.55
N VAL B 173 -4.63 -15.40 -1.54
CA VAL B 173 -5.18 -14.91 -0.27
C VAL B 173 -6.44 -15.78 -0.07
N PRO B 174 -6.44 -16.61 0.93
CA PRO B 174 -7.52 -17.56 1.15
C PRO B 174 -8.56 -17.23 2.17
N ASP B 175 -8.42 -16.21 3.02
CA ASP B 175 -9.33 -15.98 4.08
C ASP B 175 -10.20 -14.76 4.05
N THR B 176 -10.50 -14.20 2.91
CA THR B 176 -11.38 -13.02 2.91
C THR B 176 -12.78 -13.49 3.37
N ARG B 177 -13.39 -12.72 4.27
CA ARG B 177 -14.72 -13.06 4.75
C ARG B 177 -15.72 -11.93 4.55
N GLN B 178 -15.28 -10.73 4.18
CA GLN B 178 -16.10 -9.58 3.94
C GLN B 178 -16.17 -9.18 2.48
N ASP B 179 -17.34 -8.82 2.01
CA ASP B 179 -17.56 -8.47 0.62
C ASP B 179 -16.87 -7.21 0.20
N HIS B 180 -16.76 -6.22 1.08
CA HIS B 180 -16.08 -4.96 0.75
C HIS B 180 -14.60 -5.23 0.49
N GLU B 181 -14.06 -6.26 1.12
CA GLU B 181 -12.68 -6.68 0.96
C GLU B 181 -12.49 -7.37 -0.37
N MET B 182 -13.54 -8.07 -0.84
CA MET B 182 -13.46 -8.73 -2.14
C MET B 182 -13.56 -7.65 -3.22
N ASP B 183 -14.35 -6.61 -2.93
CA ASP B 183 -14.45 -5.50 -3.89
C ASP B 183 -13.02 -4.89 -4.09
N ALA B 184 -12.35 -4.62 -2.99
CA ALA B 184 -11.01 -4.07 -2.98
C ALA B 184 -10.10 -5.04 -3.73
N ALA B 185 -10.22 -6.35 -3.45
CA ALA B 185 -9.43 -7.33 -4.15
C ALA B 185 -9.67 -7.25 -5.65
N ARG B 186 -10.92 -7.11 -6.10
CA ARG B 186 -11.21 -7.00 -7.51
C ARG B 186 -10.67 -5.67 -8.04
N ALA B 187 -10.66 -4.58 -7.28
CA ALA B 187 -10.12 -3.30 -7.76
C ALA B 187 -8.60 -3.33 -7.99
N MET B 188 -7.87 -4.23 -7.39
CA MET B 188 -6.47 -4.45 -7.46
C MET B 188 -6.12 -5.56 -8.48
N GLY B 189 -7.06 -5.96 -9.32
CA GLY B 189 -6.81 -6.99 -10.30
C GLY B 189 -6.77 -8.40 -9.85
N ALA B 190 -7.31 -8.77 -8.69
CA ALA B 190 -7.29 -10.19 -8.28
C ALA B 190 -8.34 -10.99 -9.08
N THR B 191 -8.10 -12.27 -9.27
CA THR B 191 -9.11 -13.16 -9.85
C THR B 191 -9.83 -13.76 -8.62
N VAL B 192 -11.13 -13.70 -8.56
CA VAL B 192 -11.85 -14.30 -7.43
C VAL B 192 -12.29 -15.71 -7.84
N ILE B 193 -11.97 -16.71 -7.04
CA ILE B 193 -12.37 -18.08 -7.32
C ILE B 193 -13.19 -18.60 -6.12
N HIS B 194 -14.47 -18.93 -6.37
CA HIS B 194 -15.30 -19.46 -5.29
C HIS B 194 -15.30 -20.99 -5.34
N VAL B 195 -15.19 -21.61 -4.20
CA VAL B 195 -15.25 -23.08 -4.12
C VAL B 195 -16.58 -23.39 -3.40
N VAL B 196 -17.52 -23.91 -4.21
CA VAL B 196 -18.85 -24.23 -3.75
C VAL B 196 -19.21 -25.71 -3.81
N ARG B 197 -20.06 -26.10 -2.86
CA ARG B 197 -20.59 -27.48 -2.78
C ARG B 197 -22.09 -27.45 -3.14
N PRO B 198 -22.56 -28.37 -3.96
CA PRO B 198 -23.95 -28.45 -4.38
C PRO B 198 -24.82 -28.67 -3.15
N GLY B 199 -26.03 -28.15 -3.22
CA GLY B 199 -27.01 -28.28 -2.16
C GLY B 199 -26.41 -28.22 -0.76
N ALA B 210 -24.42 -16.09 4.42
CA ALA B 210 -24.45 -17.39 3.75
C ALA B 210 -23.54 -17.36 2.52
N GLY B 211 -22.26 -17.08 2.77
CA GLY B 211 -21.26 -17.00 1.73
C GLY B 211 -21.14 -15.65 1.06
N LEU B 212 -20.03 -15.46 0.34
CA LEU B 212 -19.86 -14.15 -0.34
C LEU B 212 -20.50 -14.27 -1.70
N PRO B 213 -21.09 -13.23 -2.23
CA PRO B 213 -21.72 -13.21 -3.52
C PRO B 213 -20.82 -13.55 -4.68
N ILE B 214 -21.34 -14.23 -5.68
CA ILE B 214 -20.57 -14.55 -6.90
C ILE B 214 -20.93 -13.45 -7.90
N ARG B 215 -19.94 -12.60 -8.21
CA ARG B 215 -20.19 -11.48 -9.11
C ARG B 215 -19.78 -11.83 -10.52
N ASP B 216 -20.10 -11.01 -11.50
CA ASP B 216 -19.69 -11.36 -12.87
C ASP B 216 -18.18 -11.23 -13.01
N GLY B 217 -17.57 -12.25 -13.60
CA GLY B 217 -16.15 -12.32 -13.77
C GLY B 217 -15.49 -13.28 -12.77
N ASP B 218 -16.20 -13.59 -11.69
CA ASP B 218 -15.69 -14.49 -10.67
C ASP B 218 -15.69 -15.90 -11.24
N LEU B 219 -14.75 -16.70 -10.81
CA LEU B 219 -14.62 -18.08 -11.21
C LEU B 219 -15.29 -18.90 -10.08
N VAL B 220 -15.94 -19.98 -10.47
CA VAL B 220 -16.64 -20.82 -9.48
C VAL B 220 -16.19 -22.26 -9.71
N ILE B 221 -15.74 -22.97 -8.69
CA ILE B 221 -15.34 -24.38 -8.91
C ILE B 221 -16.38 -25.18 -8.10
N THR B 222 -17.14 -26.04 -8.76
CA THR B 222 -18.17 -26.76 -8.00
C THR B 222 -17.54 -28.04 -7.49
N ASN B 223 -17.52 -28.17 -6.18
CA ASN B 223 -16.88 -29.36 -5.58
C ASN B 223 -17.93 -30.45 -5.45
N ASP B 224 -18.30 -31.05 -6.57
CA ASP B 224 -19.37 -32.05 -6.52
C ASP B 224 -18.89 -33.48 -6.54
N GLY B 225 -17.61 -33.75 -6.81
CA GLY B 225 -17.13 -35.11 -6.89
C GLY B 225 -16.13 -35.55 -5.84
N SER B 226 -15.11 -36.28 -6.32
CA SER B 226 -14.03 -36.77 -5.47
C SER B 226 -12.95 -35.69 -5.29
N LEU B 227 -12.04 -35.92 -4.36
CA LEU B 227 -10.95 -34.98 -4.12
C LEU B 227 -10.18 -34.78 -5.41
N GLU B 228 -9.95 -35.90 -6.06
CA GLU B 228 -9.20 -35.93 -7.32
C GLU B 228 -9.94 -35.27 -8.44
N GLU B 229 -11.27 -35.17 -8.32
CA GLU B 229 -12.02 -34.48 -9.39
C GLU B 229 -11.89 -32.97 -9.11
N LEU B 230 -11.79 -32.70 -7.82
CA LEU B 230 -11.64 -31.35 -7.34
C LEU B 230 -10.25 -30.90 -7.82
N PHE B 231 -9.25 -31.75 -7.66
CA PHE B 231 -7.88 -31.44 -8.08
C PHE B 231 -7.72 -31.09 -9.53
N SER B 232 -8.42 -31.87 -10.35
CA SER B 232 -8.48 -31.69 -11.77
C SER B 232 -9.17 -30.38 -12.14
N LYS B 233 -10.29 -30.03 -11.50
CA LYS B 233 -10.96 -28.78 -11.79
C LYS B 233 -10.01 -27.59 -11.48
N ILE B 234 -9.24 -27.69 -10.40
CA ILE B 234 -8.31 -26.64 -10.03
C ILE B 234 -7.24 -26.46 -11.08
N LYS B 235 -6.61 -27.57 -11.46
CA LYS B 235 -5.58 -27.52 -12.48
C LYS B 235 -6.06 -26.85 -13.76
N ASN B 236 -7.23 -27.18 -14.25
CA ASN B 236 -7.74 -26.59 -15.48
C ASN B 236 -8.18 -25.14 -15.33
N THR B 237 -8.54 -24.74 -14.13
CA THR B 237 -8.96 -23.36 -13.86
C THR B 237 -7.75 -22.46 -13.87
N LEU B 238 -6.68 -22.97 -13.26
CA LEU B 238 -5.46 -22.15 -13.22
C LEU B 238 -4.84 -22.04 -14.61
N LYS B 239 -5.09 -23.06 -15.44
CA LYS B 239 -4.57 -23.05 -16.80
C LYS B 239 -5.09 -21.84 -17.57
N VAL B 240 -6.35 -21.49 -17.42
CA VAL B 240 -7.04 -20.44 -18.09
C VAL B 240 -6.78 -19.02 -17.63
N LEU B 241 -6.30 -18.79 -16.41
CA LEU B 241 -6.07 -17.39 -16.02
C LEU B 241 -4.92 -16.83 -16.86
#